data_6M85
#
_entry.id   6M85
#
_cell.length_a   82.989
_cell.length_b   82.989
_cell.length_c   191.794
_cell.angle_alpha   90.000
_cell.angle_beta   90.000
_cell.angle_gamma   90.000
#
_symmetry.space_group_name_H-M   'I 4'
#
loop_
_entity.id
_entity.type
_entity.pdbx_description
1 polymer 'ATP-sensitive inward rectifier potassium channel 12'
2 non-polymer 'POTASSIUM ION'
3 water water
#
_entity_poly.entity_id   1
_entity_poly.type   'polypeptide(L)'
_entity_poly.pdbx_seq_one_letter_code
;MARRKCRNRFVKKNGQCNVEFTNMDDKPQRYIADMFTTCVDIRWRYMLLLFSLAFLVSWLLFGLIFWLIALIHGDLENPG
GDDTFKPCVLQVNGFVAAFLFSIETQTTIGYGFRCVTEECPLAVFMVVVQSIVGCIIDSFMIGAIMAKMARPKKRAQTLL
FSHNAVVAMRDGKLCLMWRVGNLRKSHIVEAHVRAQLIKPRITEEGEYIPLDQIDIDVGFDKGLDRIFLVSPITILHEIN
EDSPLFGISRQDLETDDFEIVVILEGMVEATAMTTQARSSYLASEILWGHRFEPVLFEEKNQYKVDYSHFHKTYEVPSTP
RCSAKDLVENKFLLSNSLEVLFQ
;
_entity_poly.pdbx_strand_id   A
#
loop_
_chem_comp.id
_chem_comp.type
_chem_comp.name
_chem_comp.formula
K non-polymer 'POTASSIUM ION' 'K 1'
#
# COMPACT_ATOMS: atom_id res chain seq x y z
N CYS A 6 -18.80 -15.47 -14.05
CA CYS A 6 -20.29 -15.57 -13.97
C CYS A 6 -20.82 -14.88 -12.71
N ARG A 7 -20.28 -15.27 -11.55
CA ARG A 7 -20.60 -14.61 -10.28
C ARG A 7 -19.63 -13.44 -10.11
N ASN A 8 -19.90 -12.56 -9.15
CA ASN A 8 -19.01 -11.43 -8.89
C ASN A 8 -17.61 -11.84 -8.45
N ARG A 9 -16.64 -11.05 -8.85
CA ARG A 9 -15.24 -11.32 -8.57
C ARG A 9 -14.84 -10.67 -7.25
N PHE A 10 -14.35 -11.50 -6.34
CA PHE A 10 -13.95 -11.06 -4.99
C PHE A 10 -12.68 -10.22 -5.01
N VAL A 11 -11.67 -10.69 -5.73
CA VAL A 11 -10.39 -10.01 -5.82
C VAL A 11 -10.07 -9.76 -7.29
N LYS A 12 -9.75 -8.52 -7.64
CA LYS A 12 -9.44 -8.15 -9.03
C LYS A 12 -8.07 -8.63 -9.43
N LYS A 13 -7.79 -8.60 -10.73
CA LYS A 13 -6.53 -9.13 -11.27
C LYS A 13 -5.31 -8.37 -10.75
N ASN A 14 -5.51 -7.12 -10.36
CA ASN A 14 -4.43 -6.28 -9.81
C ASN A 14 -4.27 -6.38 -8.28
N GLY A 15 -5.03 -7.28 -7.64
CA GLY A 15 -4.97 -7.46 -6.20
C GLY A 15 -6.07 -6.77 -5.43
N GLN A 16 -6.66 -5.73 -6.02
CA GLN A 16 -7.71 -4.95 -5.36
C GLN A 16 -8.90 -5.83 -4.97
N CYS A 17 -9.30 -5.76 -3.71
CA CYS A 17 -10.48 -6.48 -3.26
C CYS A 17 -11.74 -5.71 -3.58
N ASN A 18 -12.72 -6.43 -4.12
CA ASN A 18 -13.96 -5.84 -4.61
C ASN A 18 -15.08 -5.99 -3.57
N VAL A 19 -14.89 -5.35 -2.42
CA VAL A 19 -15.83 -5.47 -1.29
C VAL A 19 -16.04 -4.11 -0.64
N GLU A 20 -17.30 -3.70 -0.50
CA GLU A 20 -17.62 -2.46 0.21
C GLU A 20 -18.12 -2.76 1.62
N PHE A 21 -17.73 -1.91 2.56
CA PHE A 21 -18.14 -2.04 3.96
C PHE A 21 -19.20 -0.99 4.21
N THR A 22 -20.27 -1.38 4.90
CA THR A 22 -21.37 -0.46 5.17
C THR A 22 -21.83 -0.56 6.60
N ASN A 23 -22.50 0.49 7.07
CA ASN A 23 -23.19 0.47 8.34
C ASN A 23 -22.27 0.03 9.48
N MET A 24 -21.07 0.61 9.53
CA MET A 24 -20.10 0.26 10.55
C MET A 24 -20.38 1.03 11.83
N ASP A 25 -19.73 0.62 12.90
CA ASP A 25 -19.80 1.30 14.19
C ASP A 25 -18.80 2.47 14.22
N ASP A 26 -19.15 3.54 14.92
CA ASP A 26 -18.30 4.73 15.01
C ASP A 26 -17.70 4.87 16.41
N LYS A 27 -16.37 4.96 16.47
CA LYS A 27 -15.65 5.19 17.72
C LYS A 27 -15.20 6.64 17.81
N PRO A 28 -15.13 7.19 19.03
CA PRO A 28 -14.75 8.57 19.34
C PRO A 28 -13.33 8.92 18.92
N ASP A 34 -6.01 7.81 15.86
CA ASP A 34 -4.72 8.36 16.26
C ASP A 34 -4.26 9.46 15.30
N MET A 35 -3.25 10.22 15.72
CA MET A 35 -2.73 11.34 14.94
C MET A 35 -1.86 10.86 13.77
N PHE A 36 -1.13 9.77 13.96
CA PHE A 36 -0.20 9.25 12.94
C PHE A 36 -0.92 8.71 11.72
N THR A 37 -2.06 8.05 11.94
CA THR A 37 -2.89 7.54 10.84
C THR A 37 -3.57 8.69 10.11
N THR A 38 -4.07 9.66 10.87
CA THR A 38 -4.69 10.87 10.30
C THR A 38 -3.72 11.60 9.36
N CYS A 39 -2.44 11.61 9.73
CA CYS A 39 -1.41 12.33 9.01
C CYS A 39 -1.12 11.74 7.62
N VAL A 40 -1.01 10.42 7.55
CA VAL A 40 -0.65 9.75 6.29
C VAL A 40 -1.82 9.61 5.30
N ASP A 41 -3.06 9.75 5.79
CA ASP A 41 -4.25 9.64 4.94
C ASP A 41 -4.46 10.88 4.10
N ILE A 42 -4.56 12.04 4.76
CA ILE A 42 -4.74 13.33 4.09
C ILE A 42 -3.74 13.54 2.94
N ARG A 43 -4.23 14.11 1.84
CA ARG A 43 -3.42 14.30 0.62
C ARG A 43 -2.39 15.42 0.77
N TRP A 44 -1.48 15.50 -0.19
CA TRP A 44 -0.42 16.51 -0.17
C TRP A 44 -0.98 17.92 -0.21
N ARG A 45 -1.67 18.25 -1.30
CA ARG A 45 -2.20 19.61 -1.47
C ARG A 45 -3.08 20.05 -0.29
N TYR A 46 -3.78 19.10 0.35
CA TYR A 46 -4.61 19.42 1.51
C TYR A 46 -3.78 19.63 2.77
N MET A 47 -2.74 18.84 2.95
CA MET A 47 -1.87 18.98 4.12
C MET A 47 -1.05 20.28 4.06
N LEU A 48 -0.59 20.64 2.86
CA LEU A 48 0.19 21.87 2.68
C LEU A 48 -0.68 23.11 2.88
N LEU A 49 -1.93 23.05 2.46
CA LEU A 49 -2.88 24.14 2.74
C LEU A 49 -3.16 24.23 4.24
N LEU A 50 -3.29 23.09 4.89
CA LEU A 50 -3.51 23.04 6.32
C LEU A 50 -2.38 23.69 7.10
N PHE A 51 -1.13 23.39 6.71
CA PHE A 51 0.02 23.96 7.39
C PHE A 51 0.17 25.45 7.12
N SER A 52 0.00 25.86 5.86
CA SER A 52 0.01 27.28 5.53
C SER A 52 -1.12 28.03 6.24
N LEU A 53 -2.22 27.34 6.51
CA LEU A 53 -3.29 27.91 7.33
C LEU A 53 -2.81 28.09 8.78
N ALA A 54 -2.15 27.06 9.32
CA ALA A 54 -1.62 27.13 10.68
C ALA A 54 -0.61 28.27 10.87
N PHE A 55 0.14 28.60 9.81
CA PHE A 55 1.06 29.74 9.85
C PHE A 55 0.30 31.05 9.88
N LEU A 56 -0.60 31.23 8.92
CA LEU A 56 -1.46 32.42 8.87
C LEU A 56 -2.15 32.68 10.20
N VAL A 57 -2.77 31.66 10.76
CA VAL A 57 -3.51 31.81 12.00
C VAL A 57 -2.60 32.28 13.13
N SER A 58 -1.44 31.66 13.27
CA SER A 58 -0.48 32.07 14.31
C SER A 58 0.10 33.45 14.04
N TRP A 59 0.36 33.77 12.77
CA TRP A 59 0.88 35.09 12.42
C TRP A 59 -0.15 36.20 12.63
N LEU A 60 -1.43 35.91 12.37
CA LEU A 60 -2.50 36.89 12.62
C LEU A 60 -2.79 37.02 14.11
N LEU A 61 -2.83 35.88 14.81
CA LEU A 61 -3.10 35.89 16.24
C LEU A 61 -2.12 36.82 16.94
N PHE A 62 -0.83 36.56 16.77
CA PHE A 62 0.21 37.34 17.44
C PHE A 62 0.31 38.76 16.90
N GLY A 63 0.09 38.93 15.61
CA GLY A 63 0.03 40.26 15.00
C GLY A 63 -1.00 41.11 15.71
N LEU A 64 -2.18 40.54 15.91
CA LEU A 64 -3.27 41.20 16.62
C LEU A 64 -2.90 41.54 18.07
N ILE A 65 -2.23 40.60 18.75
CA ILE A 65 -1.82 40.82 20.13
C ILE A 65 -0.79 41.95 20.24
N PHE A 66 0.18 41.98 19.32
CA PHE A 66 1.20 43.03 19.32
C PHE A 66 0.60 44.37 18.96
N TRP A 67 -0.41 44.33 18.08
CA TRP A 67 -1.14 45.54 17.71
C TRP A 67 -1.92 46.10 18.90
N LEU A 68 -2.60 45.24 19.65
CA LEU A 68 -3.29 45.67 20.88
C LEU A 68 -2.32 46.33 21.85
N ILE A 69 -1.19 45.67 22.10
CA ILE A 69 -0.17 46.20 23.00
C ILE A 69 0.30 47.59 22.54
N ALA A 70 0.44 47.79 21.23
CA ALA A 70 0.85 49.08 20.69
C ALA A 70 -0.19 50.15 20.98
N LEU A 71 -1.45 49.83 20.67
CA LEU A 71 -2.59 50.72 20.89
C LEU A 71 -2.67 51.22 22.34
N ILE A 72 -2.73 50.29 23.28
CA ILE A 72 -2.87 50.63 24.70
C ILE A 72 -1.67 51.43 25.22
N HIS A 73 -0.48 51.18 24.67
CA HIS A 73 0.73 51.86 25.12
C HIS A 73 0.90 53.25 24.49
N GLY A 74 0.14 53.51 23.43
CA GLY A 74 0.22 54.78 22.72
C GLY A 74 1.33 54.81 21.67
N ASP A 75 1.74 53.63 21.23
CA ASP A 75 2.86 53.49 20.28
C ASP A 75 2.47 53.88 18.85
N LEU A 76 1.20 53.72 18.50
CA LEU A 76 0.73 54.09 17.16
C LEU A 76 0.86 55.59 16.88
N GLU A 77 0.89 56.42 17.93
CA GLU A 77 1.10 57.87 17.80
C GLU A 77 2.58 58.27 17.79
N ASN A 78 3.46 57.40 18.27
CA ASN A 78 4.90 57.66 18.32
C ASN A 78 5.70 56.35 18.17
N PRO A 79 5.65 55.74 16.96
CA PRO A 79 6.19 54.39 16.74
C PRO A 79 7.70 54.27 16.83
N GLY A 80 8.41 55.33 16.43
CA GLY A 80 9.87 55.37 16.54
C GLY A 80 10.36 55.67 17.94
N GLY A 81 9.52 56.33 18.76
CA GLY A 81 9.90 56.74 20.11
C GLY A 81 10.77 57.97 20.10
N ASP A 82 11.18 58.41 21.30
CA ASP A 82 12.10 59.54 21.43
C ASP A 82 12.82 59.48 22.79
N ASP A 83 13.41 60.60 23.24
CA ASP A 83 14.14 60.64 24.51
C ASP A 83 13.26 60.41 25.73
N THR A 84 11.99 60.80 25.62
CA THR A 84 11.02 60.66 26.71
C THR A 84 10.17 59.39 26.60
N PHE A 85 9.95 58.91 25.38
CA PHE A 85 9.02 57.81 25.11
C PHE A 85 9.68 56.64 24.39
N LYS A 86 9.56 55.43 24.96
CA LYS A 86 10.02 54.20 24.31
C LYS A 86 8.86 53.22 24.10
N PRO A 87 8.58 52.87 22.82
CA PRO A 87 7.52 51.90 22.53
C PRO A 87 7.81 50.50 23.05
N CYS A 88 6.77 49.65 23.07
CA CYS A 88 6.94 48.23 23.33
C CYS A 88 7.71 47.56 22.19
N VAL A 89 7.36 47.92 20.96
CA VAL A 89 7.97 47.34 19.77
C VAL A 89 8.11 48.44 18.73
N LEU A 90 9.35 48.77 18.40
CA LEU A 90 9.64 49.85 17.49
C LEU A 90 8.95 49.66 16.12
N GLN A 91 8.52 50.78 15.55
CA GLN A 91 7.95 50.83 14.20
C GLN A 91 6.68 50.00 13.96
N VAL A 92 5.90 49.73 15.02
CA VAL A 92 4.55 49.18 14.86
C VAL A 92 3.57 50.37 14.79
N ASN A 93 3.26 50.78 13.56
CA ASN A 93 2.45 51.96 13.30
C ASN A 93 1.01 51.63 12.85
N GLY A 94 0.69 50.34 12.78
CA GLY A 94 -0.63 49.88 12.33
C GLY A 94 -0.74 48.37 12.44
N PHE A 95 -1.77 47.80 11.83
CA PHE A 95 -1.96 46.35 11.86
C PHE A 95 -0.98 45.66 10.91
N VAL A 96 -0.77 46.23 9.74
CA VAL A 96 0.15 45.64 8.75
C VAL A 96 1.57 45.55 9.33
N ALA A 97 2.02 46.62 9.98
CA ALA A 97 3.30 46.62 10.69
C ALA A 97 3.31 45.59 11.83
N ALA A 98 2.22 45.52 12.59
CA ALA A 98 2.08 44.51 13.65
C ALA A 98 2.16 43.10 13.09
N PHE A 99 1.48 42.89 11.95
CA PHE A 99 1.46 41.62 11.26
C PHE A 99 2.86 41.26 10.77
N LEU A 100 3.53 42.21 10.15
CA LEU A 100 4.90 42.03 9.68
C LEU A 100 5.85 41.66 10.82
N PHE A 101 5.74 42.34 11.95
CA PHE A 101 6.56 42.00 13.11
C PHE A 101 6.29 40.59 13.63
N SER A 102 5.03 40.15 13.56
CA SER A 102 4.68 38.80 13.99
C SER A 102 5.31 37.75 13.07
N ILE A 103 5.16 37.94 11.77
CA ILE A 103 5.76 37.07 10.76
C ILE A 103 7.28 37.03 10.95
N GLU A 104 7.88 38.20 10.98
CA GLU A 104 9.32 38.34 11.15
C GLU A 104 9.83 37.63 12.40
N THR A 105 9.05 37.66 13.48
CA THR A 105 9.45 37.04 14.73
C THR A 105 9.34 35.51 14.68
N GLN A 106 8.23 35.00 14.17
CA GLN A 106 7.97 33.56 14.19
C GLN A 106 8.77 32.82 13.14
N THR A 107 8.80 33.34 11.92
CA THR A 107 9.68 32.80 10.87
C THR A 107 11.13 32.99 11.27
N THR A 108 11.32 33.92 12.21
CA THR A 108 12.62 34.38 12.64
C THR A 108 13.38 35.06 11.51
N ILE A 109 12.68 35.69 10.55
CA ILE A 109 13.35 36.52 9.55
C ILE A 109 13.93 37.71 10.31
N GLY A 110 13.09 38.41 11.05
CA GLY A 110 13.52 39.55 11.87
C GLY A 110 14.33 40.62 11.15
N TYR A 111 13.78 41.25 10.11
CA TYR A 111 14.52 42.30 9.41
C TYR A 111 15.01 43.34 10.41
N GLY A 112 14.22 43.61 11.44
CA GLY A 112 14.70 44.37 12.60
C GLY A 112 14.39 45.85 12.60
N PHE A 113 13.80 46.36 11.53
CA PHE A 113 13.29 47.74 11.52
C PHE A 113 12.18 47.80 12.56
N ARG A 114 11.25 46.86 12.47
CA ARG A 114 10.33 46.57 13.54
C ARG A 114 11.09 45.68 14.53
N CYS A 115 11.15 46.10 15.79
CA CYS A 115 11.98 45.42 16.78
C CYS A 115 11.47 45.60 18.21
N VAL A 116 11.39 44.50 18.95
CA VAL A 116 10.97 44.54 20.34
C VAL A 116 11.97 45.31 21.20
N THR A 117 11.44 46.01 22.20
CA THR A 117 12.24 46.79 23.14
C THR A 117 12.21 46.18 24.54
N GLU A 118 12.89 46.84 25.49
CA GLU A 118 12.97 46.37 26.87
C GLU A 118 11.80 46.86 27.71
N GLU A 119 10.97 47.73 27.13
CA GLU A 119 9.99 48.51 27.89
C GLU A 119 8.84 47.70 28.49
N CYS A 120 8.25 46.81 27.69
CA CYS A 120 6.99 46.15 28.05
C CYS A 120 7.19 44.66 28.29
N PRO A 121 7.18 44.23 29.58
CA PRO A 121 7.29 42.80 29.92
C PRO A 121 6.29 41.88 29.22
N LEU A 122 5.12 42.41 28.84
CA LEU A 122 4.14 41.59 28.13
C LEU A 122 4.56 41.34 26.68
N ALA A 123 5.05 42.38 26.01
CA ALA A 123 5.59 42.23 24.63
C ALA A 123 6.80 41.28 24.60
N VAL A 124 7.66 41.39 25.61
CA VAL A 124 8.78 40.46 25.76
C VAL A 124 8.27 39.05 25.95
N PHE A 125 7.31 38.89 26.86
CA PHE A 125 6.68 37.59 27.11
C PHE A 125 6.08 37.03 25.81
N MET A 126 5.47 37.90 25.01
CA MET A 126 4.80 37.46 23.79
C MET A 126 5.79 37.01 22.70
N VAL A 127 6.96 37.63 22.62
CA VAL A 127 8.02 37.15 21.74
C VAL A 127 8.53 35.78 22.22
N VAL A 128 8.68 35.62 23.53
CA VAL A 128 9.07 34.34 24.11
C VAL A 128 8.06 33.24 23.72
N VAL A 129 6.77 33.55 23.82
CA VAL A 129 5.74 32.55 23.52
C VAL A 129 5.67 32.25 22.02
N GLN A 130 5.64 33.30 21.20
CA GLN A 130 5.63 33.13 19.73
C GLN A 130 6.83 32.31 19.21
N SER A 131 8.00 32.51 19.81
CA SER A 131 9.19 31.76 19.42
C SER A 131 8.99 30.27 19.66
N ILE A 132 8.43 29.93 20.81
CA ILE A 132 8.23 28.53 21.18
C ILE A 132 7.15 27.91 20.31
N VAL A 133 6.06 28.65 20.09
CA VAL A 133 4.98 28.20 19.22
C VAL A 133 5.53 27.95 17.80
N GLY A 134 6.38 28.86 17.34
CA GLY A 134 7.05 28.72 16.05
C GLY A 134 7.84 27.42 15.92
N CYS A 135 8.66 27.12 16.93
CA CYS A 135 9.42 25.86 16.94
C CYS A 135 8.51 24.64 16.90
N ILE A 136 7.42 24.70 17.64
CA ILE A 136 6.49 23.58 17.71
C ILE A 136 5.83 23.37 16.34
N ILE A 137 5.29 24.42 15.77
CA ILE A 137 4.63 24.31 14.47
C ILE A 137 5.59 23.74 13.43
N ASP A 138 6.80 24.28 13.36
CA ASP A 138 7.83 23.82 12.42
C ASP A 138 8.14 22.34 12.60
N SER A 139 8.43 21.93 13.82
CA SER A 139 8.76 20.54 14.13
C SER A 139 7.64 19.56 13.74
N PHE A 140 6.40 19.97 13.96
CA PHE A 140 5.24 19.17 13.54
C PHE A 140 5.17 19.06 12.02
N MET A 141 5.45 20.15 11.33
CA MET A 141 5.46 20.14 9.87
C MET A 141 6.52 19.17 9.32
N ILE A 142 7.69 19.15 9.95
CA ILE A 142 8.77 18.26 9.53
C ILE A 142 8.33 16.81 9.76
N GLY A 143 7.76 16.55 10.93
CA GLY A 143 7.28 15.21 11.29
C GLY A 143 6.14 14.72 10.42
N ALA A 144 5.16 15.58 10.18
CA ALA A 144 4.04 15.25 9.31
C ALA A 144 4.50 14.97 7.89
N ILE A 145 5.48 15.74 7.41
CA ILE A 145 6.02 15.51 6.07
C ILE A 145 6.77 14.19 5.98
N MET A 146 7.54 13.84 7.02
CA MET A 146 8.25 12.56 7.03
C MET A 146 7.31 11.37 7.17
N ALA A 147 6.28 11.52 8.00
CA ALA A 147 5.29 10.47 8.18
C ALA A 147 4.68 10.08 6.84
N LYS A 148 4.22 11.09 6.10
CA LYS A 148 3.61 10.88 4.80
C LYS A 148 4.63 10.44 3.75
N MET A 149 5.86 10.94 3.88
CA MET A 149 6.96 10.58 3.00
C MET A 149 7.33 9.11 3.19
N ALA A 150 7.38 8.68 4.45
CA ALA A 150 7.80 7.31 4.79
C ALA A 150 6.69 6.27 4.66
N ARG A 151 5.43 6.71 4.70
CA ARG A 151 4.29 5.78 4.64
C ARG A 151 3.28 6.21 3.56
N PRO A 152 3.66 6.06 2.27
CA PRO A 152 2.75 6.37 1.17
C PRO A 152 1.73 5.26 0.92
N LYS A 153 0.67 5.59 0.17
CA LYS A 153 -0.40 4.62 -0.14
C LYS A 153 -0.50 4.28 -1.62
N LYS A 154 0.50 4.68 -2.42
CA LYS A 154 0.56 4.33 -3.84
C LYS A 154 1.93 3.78 -4.22
N ARG A 155 2.47 2.90 -3.37
CA ARG A 155 3.72 2.21 -3.69
C ARG A 155 3.48 1.30 -4.88
N ALA A 156 4.02 1.68 -6.03
CA ALA A 156 3.89 0.91 -7.26
C ALA A 156 4.29 -0.54 -6.99
N GLN A 157 3.42 -1.46 -7.36
CA GLN A 157 3.66 -2.88 -7.14
C GLN A 157 4.97 -3.32 -7.78
N THR A 158 5.75 -4.10 -7.02
CA THR A 158 7.03 -4.61 -7.49
C THR A 158 6.94 -6.10 -7.85
N LEU A 159 5.76 -6.69 -7.64
CA LEU A 159 5.53 -8.12 -7.84
C LEU A 159 4.45 -8.36 -8.89
N LEU A 160 4.69 -9.34 -9.75
CA LEU A 160 3.81 -9.62 -10.89
C LEU A 160 3.28 -11.04 -10.89
N PHE A 161 1.97 -11.19 -11.08
CA PHE A 161 1.34 -12.48 -11.34
C PHE A 161 1.02 -12.61 -12.82
N SER A 162 0.99 -13.83 -13.34
CA SER A 162 0.58 -14.06 -14.72
C SER A 162 -0.92 -13.80 -14.87
N HIS A 163 -1.35 -13.56 -16.12
CA HIS A 163 -2.77 -13.27 -16.40
C HIS A 163 -3.59 -14.52 -16.21
N ASN A 164 -3.01 -15.66 -16.55
CA ASN A 164 -3.69 -16.94 -16.48
C ASN A 164 -2.95 -17.92 -15.60
N ALA A 165 -3.73 -18.83 -14.99
CA ALA A 165 -3.19 -20.07 -14.47
C ALA A 165 -3.36 -21.12 -15.56
N VAL A 166 -2.71 -22.27 -15.38
CA VAL A 166 -2.84 -23.37 -16.33
C VAL A 166 -2.98 -24.70 -15.60
N VAL A 167 -3.53 -25.70 -16.30
CA VAL A 167 -3.52 -27.06 -15.82
C VAL A 167 -2.73 -27.92 -16.81
N ALA A 168 -1.84 -28.75 -16.28
CA ALA A 168 -0.96 -29.58 -17.09
C ALA A 168 -0.24 -30.62 -16.23
N MET A 169 0.41 -31.57 -16.88
CA MET A 169 1.12 -32.64 -16.19
C MET A 169 2.55 -32.23 -15.90
N ARG A 170 3.02 -32.52 -14.69
CA ARG A 170 4.44 -32.42 -14.36
C ARG A 170 4.85 -33.60 -13.49
N ASP A 171 5.86 -34.34 -13.94
CA ASP A 171 6.35 -35.52 -13.26
C ASP A 171 5.23 -36.46 -12.82
N GLY A 172 4.34 -36.78 -13.76
CA GLY A 172 3.28 -37.75 -13.55
C GLY A 172 2.08 -37.28 -12.75
N LYS A 173 1.92 -35.96 -12.58
CA LYS A 173 0.86 -35.41 -11.74
C LYS A 173 0.16 -34.22 -12.38
N LEU A 174 -1.16 -34.17 -12.25
CA LEU A 174 -1.97 -33.10 -12.82
C LEU A 174 -1.92 -31.91 -11.88
N CYS A 175 -1.46 -30.77 -12.39
CA CYS A 175 -1.14 -29.62 -11.55
C CYS A 175 -1.80 -28.33 -12.00
N LEU A 176 -2.23 -27.53 -11.03
CA LEU A 176 -2.61 -26.15 -11.27
C LEU A 176 -1.34 -25.30 -11.11
N MET A 177 -1.09 -24.41 -12.06
CA MET A 177 0.16 -23.62 -12.07
C MET A 177 -0.08 -22.16 -12.41
N TRP A 178 0.54 -21.28 -11.65
CA TRP A 178 0.59 -19.86 -11.97
C TRP A 178 2.01 -19.37 -11.79
N ARG A 179 2.34 -18.24 -12.41
CA ARG A 179 3.69 -17.73 -12.44
C ARG A 179 3.77 -16.44 -11.63
N VAL A 180 4.86 -16.29 -10.87
CA VAL A 180 5.15 -15.06 -10.16
C VAL A 180 6.55 -14.60 -10.50
N GLY A 181 6.71 -13.28 -10.60
CA GLY A 181 8.00 -12.68 -10.91
C GLY A 181 8.20 -11.37 -10.17
N ASN A 182 9.47 -11.02 -9.99
CA ASN A 182 9.89 -9.84 -9.28
C ASN A 182 10.34 -8.81 -10.29
N LEU A 183 9.75 -7.60 -10.25
CA LEU A 183 10.06 -6.55 -11.23
C LEU A 183 11.35 -5.74 -10.94
N ARG A 184 12.08 -6.05 -9.86
CA ARG A 184 13.29 -5.32 -9.51
C ARG A 184 14.48 -6.25 -9.26
N LYS A 185 15.67 -5.67 -9.21
CA LYS A 185 16.89 -6.43 -8.94
C LYS A 185 17.11 -6.67 -7.45
N SER A 186 16.44 -5.87 -6.62
CA SER A 186 16.41 -6.10 -5.17
C SER A 186 15.51 -7.32 -4.86
N HIS A 187 15.70 -7.89 -3.68
CA HIS A 187 15.12 -9.18 -3.34
C HIS A 187 13.91 -9.11 -2.42
N ILE A 188 13.28 -10.26 -2.22
CA ILE A 188 12.20 -10.41 -1.27
C ILE A 188 12.66 -11.40 -0.23
N VAL A 189 12.71 -10.95 1.01
CA VAL A 189 13.20 -11.76 2.12
C VAL A 189 12.03 -12.56 2.67
N GLU A 190 12.31 -13.80 3.07
CA GLU A 190 11.32 -14.69 3.65
C GLU A 190 10.03 -14.65 2.85
N ALA A 191 10.18 -14.84 1.54
CA ALA A 191 9.06 -14.78 0.61
C ALA A 191 8.38 -16.13 0.57
N HIS A 192 7.06 -16.12 0.52
CA HIS A 192 6.33 -17.37 0.48
C HIS A 192 4.93 -17.15 -0.12
N VAL A 193 4.36 -18.22 -0.65
CA VAL A 193 3.11 -18.15 -1.42
C VAL A 193 1.94 -18.88 -0.76
N ARG A 194 0.74 -18.43 -1.11
CA ARG A 194 -0.50 -19.10 -0.71
C ARG A 194 -1.48 -19.05 -1.87
N ALA A 195 -2.55 -19.83 -1.74
CA ALA A 195 -3.62 -19.82 -2.71
C ALA A 195 -4.91 -20.31 -2.07
N GLN A 196 -6.04 -19.86 -2.60
CA GLN A 196 -7.35 -20.23 -2.05
C GLN A 196 -8.39 -20.36 -3.15
N LEU A 197 -9.30 -21.33 -2.99
CA LEU A 197 -10.48 -21.42 -3.83
C LEU A 197 -11.63 -20.70 -3.13
N ILE A 198 -12.17 -19.68 -3.79
CA ILE A 198 -13.28 -18.88 -3.26
C ILE A 198 -14.57 -19.26 -3.96
N LYS A 199 -15.54 -19.76 -3.21
CA LYS A 199 -16.91 -19.96 -3.71
C LYS A 199 -17.88 -20.15 -2.54
N PRO A 200 -19.17 -19.85 -2.77
CA PRO A 200 -20.16 -20.12 -1.72
C PRO A 200 -20.49 -21.59 -1.64
N ARG A 201 -20.94 -22.03 -0.48
CA ARG A 201 -21.44 -23.39 -0.34
C ARG A 201 -22.40 -23.48 0.84
N ILE A 202 -23.17 -24.56 0.85
CA ILE A 202 -24.07 -24.86 1.96
C ILE A 202 -23.53 -26.13 2.61
N THR A 203 -23.40 -26.10 3.94
CA THR A 203 -22.92 -27.27 4.67
C THR A 203 -24.02 -28.31 4.72
N GLU A 204 -23.68 -29.54 5.12
CA GLU A 204 -24.68 -30.61 5.22
C GLU A 204 -25.77 -30.29 6.25
N GLU A 205 -25.47 -29.40 7.21
CA GLU A 205 -26.45 -28.94 8.19
C GLU A 205 -27.26 -27.74 7.68
N GLY A 206 -27.09 -27.38 6.42
CA GLY A 206 -27.89 -26.31 5.80
C GLY A 206 -27.47 -24.90 6.15
N GLU A 207 -26.18 -24.70 6.45
CA GLU A 207 -25.64 -23.37 6.71
C GLU A 207 -25.08 -22.80 5.41
N TYR A 208 -25.39 -21.54 5.13
CA TYR A 208 -24.90 -20.87 3.94
C TYR A 208 -23.65 -20.05 4.26
N ILE A 209 -22.58 -20.30 3.52
CA ILE A 209 -21.34 -19.54 3.62
C ILE A 209 -21.20 -18.77 2.31
N PRO A 210 -21.46 -17.45 2.32
CA PRO A 210 -21.44 -16.61 1.12
C PRO A 210 -20.16 -16.75 0.28
N LEU A 211 -19.01 -16.76 0.94
CA LEU A 211 -17.73 -16.98 0.25
C LEU A 211 -16.78 -17.75 1.16
N ASP A 212 -16.85 -19.07 1.06
CA ASP A 212 -15.93 -19.92 1.81
C ASP A 212 -14.58 -19.92 1.13
N GLN A 213 -13.52 -19.85 1.94
CA GLN A 213 -12.15 -19.80 1.44
C GLN A 213 -11.48 -21.11 1.79
N ILE A 214 -11.04 -21.84 0.76
CA ILE A 214 -10.53 -23.18 0.93
C ILE A 214 -9.10 -23.25 0.42
N ASP A 215 -8.18 -23.63 1.28
CA ASP A 215 -6.76 -23.61 0.96
C ASP A 215 -6.47 -24.41 -0.30
N ILE A 216 -5.51 -23.91 -1.07
CA ILE A 216 -4.93 -24.65 -2.18
C ILE A 216 -3.49 -24.92 -1.77
N ASP A 217 -3.17 -26.20 -1.61
CA ASP A 217 -1.88 -26.60 -1.06
C ASP A 217 -0.77 -26.33 -2.06
N VAL A 218 0.18 -25.48 -1.68
CA VAL A 218 1.37 -25.23 -2.51
C VAL A 218 2.66 -25.59 -1.79
N GLY A 219 2.58 -26.48 -0.78
CA GLY A 219 3.76 -27.06 -0.13
C GLY A 219 4.05 -26.65 1.30
N PHE A 220 3.05 -26.10 1.99
CA PHE A 220 3.24 -25.57 3.35
C PHE A 220 3.84 -26.57 4.34
N ASP A 221 3.45 -27.83 4.24
CA ASP A 221 3.80 -28.80 5.28
C ASP A 221 5.24 -29.29 5.20
N LYS A 222 5.91 -29.05 4.08
CA LYS A 222 7.32 -29.41 3.93
C LYS A 222 8.15 -28.15 3.68
N GLY A 223 7.55 -26.98 3.91
CA GLY A 223 8.24 -25.70 3.73
C GLY A 223 8.33 -25.20 2.29
N LEU A 224 7.82 -25.97 1.34
CA LEU A 224 8.06 -25.66 -0.07
C LEU A 224 7.22 -24.49 -0.59
N ASP A 225 6.33 -23.97 0.25
CA ASP A 225 5.64 -22.73 -0.04
C ASP A 225 6.60 -21.52 0.00
N ARG A 226 7.75 -21.70 0.64
CA ARG A 226 8.79 -20.67 0.73
C ARG A 226 9.63 -20.66 -0.55
N ILE A 227 9.82 -19.50 -1.14
CA ILE A 227 10.56 -19.38 -2.38
C ILE A 227 11.70 -18.37 -2.31
N PHE A 228 12.69 -18.58 -3.16
CA PHE A 228 13.79 -17.66 -3.36
C PHE A 228 13.62 -17.16 -4.78
N LEU A 229 13.03 -15.98 -4.92
CA LEU A 229 12.52 -15.49 -6.19
C LEU A 229 13.49 -14.54 -6.87
N VAL A 230 14.29 -15.06 -7.79
CA VAL A 230 15.17 -14.23 -8.60
C VAL A 230 14.55 -14.07 -9.99
N SER A 231 14.54 -15.14 -10.77
CA SER A 231 13.86 -15.13 -12.06
C SER A 231 12.46 -15.68 -11.85
N PRO A 232 11.52 -15.35 -12.73
CA PRO A 232 10.15 -15.79 -12.52
C PRO A 232 10.04 -17.28 -12.20
N ILE A 233 9.30 -17.61 -11.16
CA ILE A 233 9.07 -18.99 -10.75
C ILE A 233 7.62 -19.37 -11.06
N THR A 234 7.40 -20.65 -11.33
CA THR A 234 6.07 -21.19 -11.55
C THR A 234 5.66 -21.96 -10.30
N ILE A 235 4.54 -21.55 -9.70
CA ILE A 235 4.02 -22.17 -8.48
C ILE A 235 3.19 -23.39 -8.86
N LEU A 236 3.34 -24.47 -8.10
CA LEU A 236 2.69 -25.75 -8.42
C LEU A 236 1.72 -26.17 -7.32
N HIS A 237 0.49 -26.45 -7.71
CA HIS A 237 -0.47 -27.11 -6.83
C HIS A 237 -0.80 -28.48 -7.41
N GLU A 238 -0.29 -29.54 -6.80
CA GLU A 238 -0.66 -30.90 -7.19
C GLU A 238 -2.11 -31.13 -6.85
N ILE A 239 -2.88 -31.54 -7.85
CA ILE A 239 -4.28 -31.87 -7.67
C ILE A 239 -4.36 -33.36 -7.31
N ASN A 240 -4.69 -33.63 -6.05
CA ASN A 240 -4.81 -35.00 -5.54
C ASN A 240 -6.04 -35.12 -4.64
N GLU A 241 -6.21 -36.29 -4.02
CA GLU A 241 -7.31 -36.54 -3.08
C GLU A 241 -7.73 -35.29 -2.32
N ASP A 242 -6.74 -34.63 -1.71
CA ASP A 242 -6.98 -33.54 -0.76
C ASP A 242 -7.25 -32.19 -1.42
N SER A 243 -6.98 -32.07 -2.71
CA SER A 243 -7.25 -30.84 -3.46
C SER A 243 -8.75 -30.64 -3.63
N PRO A 244 -9.21 -29.37 -3.65
CA PRO A 244 -10.61 -29.10 -3.99
C PRO A 244 -10.88 -29.13 -5.50
N LEU A 245 -9.84 -29.33 -6.31
CA LEU A 245 -9.98 -29.48 -7.74
C LEU A 245 -9.81 -30.95 -8.17
N PHE A 246 -9.92 -31.87 -7.21
CA PHE A 246 -9.70 -33.29 -7.45
C PHE A 246 -10.70 -33.88 -8.45
N GLY A 247 -11.96 -33.46 -8.35
CA GLY A 247 -13.02 -33.97 -9.20
C GLY A 247 -13.36 -33.12 -10.41
N ILE A 248 -12.49 -32.17 -10.75
CA ILE A 248 -12.75 -31.23 -11.83
C ILE A 248 -11.93 -31.55 -13.09
N SER A 249 -12.65 -31.86 -14.16
CA SER A 249 -12.09 -32.11 -15.49
C SER A 249 -12.11 -30.83 -16.32
N ARG A 250 -11.48 -30.88 -17.49
CA ARG A 250 -11.47 -29.75 -18.41
C ARG A 250 -12.89 -29.28 -18.77
N GLN A 251 -13.81 -30.23 -18.92
CA GLN A 251 -15.20 -29.89 -19.23
C GLN A 251 -15.89 -29.23 -18.03
N ASP A 252 -15.59 -29.70 -16.82
CA ASP A 252 -16.13 -29.09 -15.61
C ASP A 252 -15.64 -27.65 -15.44
N LEU A 253 -14.42 -27.37 -15.92
CA LEU A 253 -13.81 -26.06 -15.78
C LEU A 253 -14.59 -24.98 -16.53
N GLU A 254 -14.80 -25.19 -17.83
CA GLU A 254 -15.57 -24.25 -18.66
C GLU A 254 -17.04 -24.12 -18.24
N THR A 255 -17.53 -25.09 -17.48
CA THR A 255 -18.87 -25.05 -16.89
C THR A 255 -18.87 -24.37 -15.50
N ASP A 256 -17.84 -24.65 -14.71
CA ASP A 256 -17.80 -24.21 -13.29
C ASP A 256 -17.75 -22.71 -13.10
N ASP A 257 -18.07 -22.30 -11.88
CA ASP A 257 -18.01 -20.91 -11.48
C ASP A 257 -17.32 -20.81 -10.11
N PHE A 258 -16.02 -20.56 -10.13
CA PHE A 258 -15.24 -20.36 -8.91
C PHE A 258 -14.05 -19.45 -9.17
N GLU A 259 -13.47 -18.95 -8.09
CA GLU A 259 -12.34 -18.03 -8.15
C GLU A 259 -11.19 -18.58 -7.32
N ILE A 260 -9.99 -18.55 -7.88
CA ILE A 260 -8.78 -18.88 -7.13
C ILE A 260 -7.99 -17.61 -6.85
N VAL A 261 -7.87 -17.26 -5.57
CA VAL A 261 -7.03 -16.13 -5.15
C VAL A 261 -5.61 -16.64 -4.91
N VAL A 262 -4.62 -15.89 -5.38
CA VAL A 262 -3.22 -16.25 -5.20
C VAL A 262 -2.49 -15.12 -4.48
N ILE A 263 -1.63 -15.49 -3.54
CA ILE A 263 -0.97 -14.52 -2.67
C ILE A 263 0.54 -14.77 -2.66
N LEU A 264 1.31 -13.69 -2.67
CA LEU A 264 2.75 -13.76 -2.42
C LEU A 264 3.07 -12.77 -1.32
N GLU A 265 3.72 -13.25 -0.26
CA GLU A 265 4.08 -12.40 0.88
C GLU A 265 5.57 -12.45 1.14
N GLY A 266 6.09 -11.34 1.64
CA GLY A 266 7.50 -11.27 2.01
C GLY A 266 7.93 -9.85 2.29
N MET A 267 9.12 -9.72 2.86
CA MET A 267 9.71 -8.43 3.15
C MET A 267 10.46 -7.96 1.92
N VAL A 268 10.00 -6.86 1.33
CA VAL A 268 10.59 -6.36 0.09
C VAL A 268 11.69 -5.36 0.40
N GLU A 269 12.93 -5.70 0.03
CA GLU A 269 14.10 -4.85 0.25
C GLU A 269 13.92 -3.41 -0.27
N ALA A 270 13.32 -3.29 -1.45
CA ALA A 270 13.11 -1.99 -2.10
C ALA A 270 12.36 -0.97 -1.23
N THR A 271 11.35 -1.45 -0.51
CA THR A 271 10.48 -0.59 0.29
C THR A 271 10.66 -0.79 1.80
N ALA A 272 11.49 -1.75 2.18
CA ALA A 272 11.73 -2.09 3.59
C ALA A 272 10.46 -2.43 4.40
N MET A 273 9.43 -2.96 3.73
CA MET A 273 8.18 -3.32 4.41
C MET A 273 7.65 -4.68 3.96
N THR A 274 7.01 -5.38 4.90
CA THR A 274 6.36 -6.65 4.61
C THR A 274 5.20 -6.36 3.67
N THR A 275 5.13 -7.12 2.58
CA THR A 275 4.16 -6.85 1.54
C THR A 275 3.31 -8.08 1.30
N GLN A 276 2.06 -7.84 0.91
CA GLN A 276 1.16 -8.87 0.43
C GLN A 276 0.73 -8.49 -0.97
N ALA A 277 1.27 -9.19 -1.96
CA ALA A 277 0.82 -9.04 -3.35
C ALA A 277 -0.31 -10.03 -3.61
N ARG A 278 -1.27 -9.63 -4.42
CA ARG A 278 -2.46 -10.44 -4.68
C ARG A 278 -2.81 -10.47 -6.15
N SER A 279 -3.47 -11.55 -6.56
CA SER A 279 -4.20 -11.59 -7.82
C SER A 279 -5.27 -12.66 -7.77
N SER A 280 -6.02 -12.81 -8.87
CA SER A 280 -7.14 -13.74 -8.91
C SER A 280 -7.22 -14.46 -10.25
N TYR A 281 -7.70 -15.69 -10.20
CA TYR A 281 -8.04 -16.44 -11.41
C TYR A 281 -9.45 -16.99 -11.28
N LEU A 282 -10.35 -16.48 -12.12
CA LEU A 282 -11.66 -17.08 -12.31
C LEU A 282 -11.49 -18.41 -13.04
N ALA A 283 -12.43 -19.32 -12.85
CA ALA A 283 -12.42 -20.60 -13.58
C ALA A 283 -12.19 -20.39 -15.08
N SER A 284 -12.83 -19.37 -15.64
CA SER A 284 -12.69 -19.03 -17.06
C SER A 284 -11.35 -18.44 -17.47
N GLU A 285 -10.47 -18.14 -16.50
CA GLU A 285 -9.11 -17.65 -16.80
C GLU A 285 -8.05 -18.73 -16.62
N ILE A 286 -8.47 -19.93 -16.23
CA ILE A 286 -7.56 -21.08 -16.12
C ILE A 286 -7.56 -21.85 -17.43
N LEU A 287 -6.39 -21.97 -18.06
CA LEU A 287 -6.27 -22.65 -19.34
C LEU A 287 -5.84 -24.10 -19.19
N TRP A 288 -6.81 -25.01 -19.26
CA TRP A 288 -6.50 -26.45 -19.21
C TRP A 288 -5.64 -26.87 -20.41
N GLY A 289 -4.67 -27.74 -20.16
CA GLY A 289 -3.80 -28.26 -21.21
C GLY A 289 -2.80 -27.26 -21.76
N HIS A 290 -2.35 -26.33 -20.92
CA HIS A 290 -1.36 -25.31 -21.32
C HIS A 290 -0.15 -25.31 -20.41
N ARG A 291 0.92 -24.69 -20.90
CA ARG A 291 2.16 -24.52 -20.15
C ARG A 291 2.77 -23.16 -20.48
N PHE A 292 3.50 -22.57 -19.53
CA PHE A 292 4.06 -21.23 -19.70
C PHE A 292 5.30 -21.23 -20.60
N GLU A 293 5.46 -20.14 -21.35
CA GLU A 293 6.65 -19.93 -22.15
C GLU A 293 7.81 -19.64 -21.20
N PRO A 294 8.95 -20.34 -21.39
CA PRO A 294 10.13 -19.95 -20.63
C PRO A 294 10.52 -18.49 -20.86
N VAL A 295 11.07 -17.86 -19.82
CA VAL A 295 11.56 -16.48 -19.90
C VAL A 295 13.07 -16.40 -19.66
N LEU A 296 13.62 -17.39 -18.97
CA LEU A 296 15.02 -17.39 -18.56
C LEU A 296 15.88 -18.08 -19.60
N PHE A 297 16.89 -17.38 -20.12
CA PHE A 297 17.82 -17.93 -21.10
CA PHE A 297 17.83 -17.98 -21.06
C PHE A 297 19.27 -17.61 -20.72
N GLU A 298 20.17 -18.58 -20.95
CA GLU A 298 21.59 -18.40 -20.67
C GLU A 298 22.26 -17.73 -21.85
N GLU A 299 23.12 -16.75 -21.58
CA GLU A 299 23.90 -16.08 -22.61
C GLU A 299 25.30 -15.73 -22.11
N LYS A 300 26.29 -15.85 -22.98
CA LYS A 300 27.67 -15.48 -22.65
C LYS A 300 28.06 -15.96 -21.23
N ASN A 301 28.21 -15.03 -20.29
CA ASN A 301 28.54 -15.33 -18.89
C ASN A 301 27.50 -14.77 -17.92
N GLN A 302 26.22 -14.89 -18.29
CA GLN A 302 25.16 -14.20 -17.56
C GLN A 302 23.78 -14.75 -17.96
N TYR A 303 22.86 -14.84 -17.00
CA TYR A 303 21.49 -15.24 -17.30
C TYR A 303 20.65 -14.04 -17.64
N LYS A 304 19.56 -14.26 -18.38
CA LYS A 304 18.70 -13.16 -18.80
C LYS A 304 17.24 -13.56 -18.80
N VAL A 305 16.38 -12.62 -18.45
CA VAL A 305 14.94 -12.83 -18.40
C VAL A 305 14.28 -11.91 -19.41
N ASP A 306 13.58 -12.49 -20.38
CA ASP A 306 12.79 -11.71 -21.32
C ASP A 306 11.35 -11.70 -20.85
N TYR A 307 10.93 -10.56 -20.29
CA TYR A 307 9.62 -10.46 -19.65
C TYR A 307 8.42 -10.41 -20.60
N SER A 308 8.67 -10.35 -21.91
CA SER A 308 7.56 -10.43 -22.88
C SER A 308 6.86 -11.78 -22.86
N HIS A 309 7.64 -12.84 -22.65
CA HIS A 309 7.09 -14.21 -22.59
C HIS A 309 6.54 -14.57 -21.20
N PHE A 310 6.47 -13.59 -20.29
CA PHE A 310 6.02 -13.84 -18.92
C PHE A 310 4.62 -14.43 -18.91
N HIS A 311 3.69 -13.75 -19.56
CA HIS A 311 2.28 -14.17 -19.55
C HIS A 311 1.93 -15.21 -20.61
N LYS A 312 2.88 -15.55 -21.48
CA LYS A 312 2.58 -16.35 -22.67
C LYS A 312 2.60 -17.86 -22.41
N THR A 313 1.68 -18.57 -23.06
CA THR A 313 1.50 -20.01 -22.87
C THR A 313 1.49 -20.74 -24.21
N TYR A 314 1.54 -22.07 -24.16
CA TYR A 314 1.42 -22.91 -25.35
C TYR A 314 0.69 -24.22 -25.04
N GLU A 315 -0.04 -24.74 -26.03
CA GLU A 315 -0.87 -25.92 -25.85
C GLU A 315 -0.06 -27.21 -25.71
N VAL A 316 -0.55 -28.10 -24.84
CA VAL A 316 -0.05 -29.46 -24.72
C VAL A 316 -1.24 -30.40 -24.93
N PRO A 317 -1.44 -30.87 -26.17
CA PRO A 317 -2.59 -31.72 -26.48
C PRO A 317 -2.57 -33.12 -25.84
N SER A 318 -1.38 -33.60 -25.45
CA SER A 318 -1.26 -34.88 -24.71
C SER A 318 -1.79 -34.81 -23.28
N THR A 319 -2.12 -33.60 -22.81
CA THR A 319 -2.74 -33.41 -21.50
C THR A 319 -4.10 -34.10 -21.43
N PRO A 320 -4.26 -35.03 -20.47
CA PRO A 320 -5.57 -35.60 -20.19
C PRO A 320 -6.65 -34.53 -19.98
N ARG A 321 -7.88 -34.83 -20.42
CA ARG A 321 -9.01 -33.91 -20.26
C ARG A 321 -9.91 -34.30 -19.10
N CYS A 322 -9.62 -35.42 -18.45
CA CYS A 322 -10.42 -35.87 -17.31
C CYS A 322 -9.88 -35.32 -16.00
N SER A 323 -10.68 -35.43 -14.95
CA SER A 323 -10.28 -34.98 -13.61
C SER A 323 -9.14 -35.84 -13.04
N ALA A 324 -8.55 -35.37 -11.95
CA ALA A 324 -7.50 -36.10 -11.23
C ALA A 324 -8.07 -37.34 -10.53
N LYS A 325 -9.32 -37.24 -10.06
CA LYS A 325 -10.04 -38.39 -9.53
C LYS A 325 -10.18 -39.47 -10.59
N ASP A 326 -10.58 -39.07 -11.80
CA ASP A 326 -10.72 -40.00 -12.92
C ASP A 326 -9.38 -40.61 -13.29
N LEU A 327 -8.33 -39.80 -13.35
CA LEU A 327 -6.98 -40.32 -13.61
C LEU A 327 -6.56 -41.37 -12.58
N VAL A 328 -6.92 -41.16 -11.32
CA VAL A 328 -6.63 -42.11 -10.26
C VAL A 328 -7.48 -43.37 -10.45
N GLU A 329 -8.79 -43.20 -10.48
CA GLU A 329 -9.74 -44.33 -10.56
C GLU A 329 -9.57 -45.19 -11.83
N ASN A 330 -9.02 -44.61 -12.89
CA ASN A 330 -8.67 -45.39 -14.09
C ASN A 330 -7.53 -46.38 -13.81
N LYS A 331 -6.51 -45.95 -13.07
CA LYS A 331 -5.34 -46.79 -12.80
C LYS A 331 -5.64 -47.99 -11.90
N PHE A 332 -6.53 -47.82 -10.92
CA PHE A 332 -6.95 -48.93 -10.05
C PHE A 332 -7.80 -49.95 -10.80
N LEU A 333 -8.54 -49.49 -11.80
CA LEU A 333 -9.33 -50.39 -12.66
C LEU A 333 -8.42 -51.06 -13.68
N LEU A 334 -7.54 -50.29 -14.31
CA LEU A 334 -6.50 -50.84 -15.19
C LEU A 334 -5.39 -51.48 -14.35
N SER A 335 -5.74 -52.60 -13.71
CA SER A 335 -4.85 -53.33 -12.79
C SER A 335 -5.59 -54.57 -12.31
N ASN A 336 -6.82 -54.40 -11.83
CA ASN A 336 -7.72 -55.50 -11.49
C ASN A 336 -8.05 -56.36 -12.70
N SER A 337 -8.40 -55.71 -13.82
CA SER A 337 -8.72 -56.40 -15.06
C SER A 337 -8.27 -55.58 -16.26
K K B . 20.29 51.76 11.27
K K C . 19.05 45.20 11.23
K K D . 18.44 41.99 11.21
K K E . 17.83 38.81 11.19
K K F . 17.32 36.13 11.17
K K G . 16.69 32.79 11.15
#